data_6HQZ
#
_entry.id   6HQZ
#
_cell.length_a   59.313
_cell.length_b   63.884
_cell.length_c   85.983
_cell.angle_alpha   90.00
_cell.angle_beta   90.00
_cell.angle_gamma   90.00
#
_symmetry.space_group_name_H-M   'P 21 21 21'
#
loop_
_entity.id
_entity.type
_entity.pdbx_description
1 polymer AvrRpt2
2 water water
#
_entity_poly.entity_id   1
_entity_poly.type   'polypeptide(L)'
_entity_poly.pdbx_seq_one_letter_code
;NGFRLNHVPYVSQQNERMGCWYACTRMLGHSISSGPRLGLPELYDSSGPQGLQQREDVLRLMRNENLAEVSLPESRQFSA
NELGNLLCRHGPIMFGWQTPAGSWHMSVLTGIDKPNDAIIFHDPQRGPDLTMPLDSFNQRLAWRVPHAMLYSEN
;
_entity_poly.pdbx_strand_id   A,B
#
# COMPACT_ATOMS: atom_id res chain seq x y z
N ASN A 1 -12.28 -3.59 -5.54
CA ASN A 1 -11.00 -2.83 -5.57
C ASN A 1 -10.70 -2.04 -4.27
N GLY A 2 -9.46 -1.59 -4.16
CA GLY A 2 -8.95 -0.88 -3.01
C GLY A 2 -8.19 -1.89 -2.21
N PHE A 3 -7.21 -1.40 -1.49
CA PHE A 3 -6.31 -2.24 -0.75
C PHE A 3 -7.04 -2.66 0.50
N ARG A 4 -7.02 -3.95 0.82
CA ARG A 4 -7.74 -4.44 2.02
C ARG A 4 -6.86 -5.41 2.69
N LEU A 5 -6.67 -5.23 3.99
CA LEU A 5 -6.13 -6.27 4.84
C LEU A 5 -7.32 -7.19 5.25
N ASN A 6 -7.07 -8.48 5.18
CA ASN A 6 -8.08 -9.51 5.29
C ASN A 6 -8.08 -10.32 6.59
N HIS A 7 -7.03 -10.28 7.39
CA HIS A 7 -7.25 -10.76 8.74
C HIS A 7 -6.64 -9.98 9.87
N VAL A 8 -7.31 -8.89 10.11
CA VAL A 8 -7.27 -8.24 11.38
C VAL A 8 -8.34 -8.89 12.28
N PRO A 9 -7.90 -9.41 13.44
CA PRO A 9 -8.85 -10.01 14.36
C PRO A 9 -9.76 -8.96 14.97
N TYR A 10 -11.00 -9.36 15.24
CA TYR A 10 -12.01 -8.40 15.73
C TYR A 10 -12.05 -8.56 17.25
N VAL A 11 -12.02 -7.44 18.01
CA VAL A 11 -12.14 -7.48 19.45
C VAL A 11 -13.22 -6.40 19.79
N SER A 12 -14.26 -6.79 20.54
CA SER A 12 -15.29 -5.86 21.01
C SER A 12 -14.91 -5.19 22.32
N GLN A 13 -15.42 -3.98 22.56
CA GLN A 13 -15.16 -3.29 23.82
C GLN A 13 -16.24 -3.88 24.67
N GLN A 14 -15.98 -4.19 25.89
CA GLN A 14 -17.16 -4.79 26.49
C GLN A 14 -17.99 -3.74 27.26
N ASN A 15 -17.88 -3.78 28.56
CA ASN A 15 -18.44 -2.79 29.46
C ASN A 15 -17.28 -2.40 30.37
N GLU A 16 -16.17 -2.09 29.72
CA GLU A 16 -14.93 -1.69 30.35
C GLU A 16 -14.71 -0.18 30.12
N ARG A 17 -14.02 0.45 31.06
CA ARG A 17 -13.65 1.86 30.90
C ARG A 17 -12.60 2.09 29.80
N MET A 18 -12.83 3.04 28.90
CA MET A 18 -11.98 3.25 27.74
C MET A 18 -11.82 1.92 26.97
N GLY A 19 -12.88 1.16 26.97
CA GLY A 19 -12.88 -0.17 26.38
C GLY A 19 -12.47 -0.15 24.91
N CYS A 20 -12.77 0.92 24.16
CA CYS A 20 -12.43 0.99 22.73
C CYS A 20 -10.92 1.09 22.55
N TRP A 21 -10.23 1.75 23.47
CA TRP A 21 -8.74 1.77 23.41
C TRP A 21 -8.13 0.33 23.50
N TYR A 22 -8.62 -0.42 24.47
CA TYR A 22 -8.02 -1.74 24.71
C TYR A 22 -8.36 -2.65 23.57
N ALA A 23 -9.59 -2.55 23.08
CA ALA A 23 -9.99 -3.35 21.95
C ALA A 23 -9.16 -3.05 20.69
N CYS A 24 -9.01 -1.76 20.35
CA CYS A 24 -8.29 -1.35 19.17
C CYS A 24 -6.81 -1.76 19.27
N THR A 25 -6.18 -1.52 20.41
CA THR A 25 -4.77 -1.84 20.53
C THR A 25 -4.59 -3.39 20.44
N ARG A 26 -5.53 -4.19 20.99
CA ARG A 26 -5.53 -5.65 20.83
C ARG A 26 -5.72 -6.09 19.38
N MET A 27 -6.58 -5.40 18.64
CA MET A 27 -6.73 -5.66 17.21
C MET A 27 -5.46 -5.37 16.42
N LEU A 28 -4.64 -4.45 16.92
CA LEU A 28 -3.35 -4.11 16.28
C LEU A 28 -2.20 -5.10 16.63
N GLY A 29 -2.49 -6.06 17.50
CA GLY A 29 -1.53 -7.09 17.98
C GLY A 29 -0.88 -6.80 19.35
N HIS A 30 -1.22 -5.69 20.01
CA HIS A 30 -0.59 -5.29 21.28
C HIS A 30 -1.43 -5.69 22.49
N SER A 31 -0.76 -5.99 23.60
CA SER A 31 -1.37 -6.13 24.91
C SER A 31 -0.82 -5.04 25.74
N ILE A 32 -1.65 -4.06 26.00
CA ILE A 32 -1.24 -2.88 26.68
C ILE A 32 -2.15 -2.75 27.88
N SER A 33 -1.53 -2.77 29.05
CA SER A 33 -2.21 -2.79 30.32
C SER A 33 -2.75 -1.43 30.82
N SER A 34 -2.44 -0.33 30.13
CA SER A 34 -2.90 1.01 30.54
C SER A 34 -3.12 1.91 29.34
N GLY A 35 -3.81 3.01 29.55
CA GLY A 35 -4.25 3.82 28.44
C GLY A 35 -4.28 5.25 28.87
N PRO A 36 -4.72 6.11 27.98
CA PRO A 36 -4.82 7.51 28.31
C PRO A 36 -5.62 7.72 29.59
N ARG A 37 -5.13 8.64 30.39
CA ARG A 37 -5.57 8.79 31.75
C ARG A 37 -6.93 9.51 31.73
N LEU A 38 -7.10 10.41 30.77
CA LEU A 38 -8.38 11.07 30.59
C LEU A 38 -9.09 10.36 29.40
N GLY A 39 -10.33 10.74 29.20
CA GLY A 39 -11.16 10.12 28.19
C GLY A 39 -10.82 10.48 26.77
N LEU A 40 -11.70 10.01 25.92
CA LEU A 40 -11.60 10.22 24.51
C LEU A 40 -11.68 11.69 24.04
N PRO A 41 -12.68 12.46 24.55
CA PRO A 41 -12.69 13.89 24.15
C PRO A 41 -11.39 14.62 24.43
N GLU A 42 -10.76 14.29 25.54
CA GLU A 42 -9.51 14.94 25.92
C GLU A 42 -8.31 14.49 25.08
N LEU A 43 -8.35 13.22 24.72
CA LEU A 43 -7.35 12.62 23.88
C LEU A 43 -7.47 13.20 22.47
N TYR A 44 -8.70 13.43 21.97
CA TYR A 44 -8.87 13.73 20.54
C TYR A 44 -9.28 15.13 20.21
N ASP A 45 -9.74 15.84 21.21
CA ASP A 45 -10.26 17.17 20.96
C ASP A 45 -9.85 18.25 21.96
N SER A 46 -8.82 18.04 22.77
CA SER A 46 -8.46 19.05 23.81
C SER A 46 -7.54 20.08 23.23
N SER A 47 -7.60 21.31 23.72
CA SER A 47 -6.54 22.32 23.50
C SER A 47 -6.12 23.01 24.83
N GLY A 48 -5.11 23.88 24.81
CA GLY A 48 -4.55 24.45 26.06
C GLY A 48 -3.95 23.37 26.97
N PRO A 49 -4.05 23.50 28.33
CA PRO A 49 -3.39 22.57 29.30
C PRO A 49 -3.84 21.11 29.29
N GLN A 50 -5.16 20.90 29.37
CA GLN A 50 -5.74 19.57 29.35
C GLN A 50 -5.31 18.79 28.05
N GLY A 51 -4.83 19.54 27.05
CA GLY A 51 -4.36 19.05 25.76
C GLY A 51 -2.86 18.89 25.55
N LEU A 52 -2.04 19.84 25.99
CA LEU A 52 -0.56 19.63 25.98
C LEU A 52 -0.13 18.43 26.88
N GLN A 53 -0.95 18.16 27.93
CA GLN A 53 -0.80 17.04 28.85
C GLN A 53 -1.12 15.74 28.20
N GLN A 54 -2.32 15.66 27.58
CA GLN A 54 -2.76 14.42 26.95
C GLN A 54 -1.83 14.14 25.75
N ARG A 55 -1.30 15.19 25.10
CA ARG A 55 -0.27 15.01 24.07
C ARG A 55 1.00 14.36 24.62
N GLU A 56 1.44 14.81 25.79
CA GLU A 56 2.60 14.20 26.48
C GLU A 56 2.34 12.73 26.88
N ASP A 57 1.18 12.50 27.51
CA ASP A 57 0.74 11.16 27.91
C ASP A 57 0.69 10.17 26.77
N VAL A 58 0.13 10.59 25.66
CA VAL A 58 0.07 9.72 24.50
C VAL A 58 1.42 9.45 23.83
N LEU A 59 2.30 10.44 23.74
CA LEU A 59 3.64 10.19 23.20
C LEU A 59 4.40 9.16 24.05
N ARG A 60 4.26 9.29 25.36
CA ARG A 60 4.85 8.30 26.27
C ARG A 60 4.35 6.86 26.01
N LEU A 61 3.04 6.70 25.92
CA LEU A 61 2.45 5.38 25.58
C LEU A 61 3.01 4.84 24.30
N MET A 62 3.03 5.69 23.26
CA MET A 62 3.56 5.33 21.94
C MET A 62 5.02 4.81 22.04
N ARG A 63 5.88 5.57 22.75
CA ARG A 63 7.27 5.18 22.98
C ARG A 63 7.33 3.82 23.68
N ASN A 64 6.54 3.67 24.73
CA ASN A 64 6.53 2.45 25.55
C ASN A 64 5.95 1.21 24.93
N GLU A 65 5.04 1.35 23.97
CA GLU A 65 4.35 0.22 23.40
C GLU A 65 4.55 0.08 21.92
N ASN A 66 5.52 0.77 21.36
CA ASN A 66 5.85 0.66 19.95
C ASN A 66 4.67 0.91 19.02
N LEU A 67 4.04 2.05 19.25
CA LEU A 67 3.02 2.56 18.35
C LEU A 67 3.58 3.85 17.75
N ALA A 68 3.12 4.17 16.56
CA ALA A 68 3.45 5.40 15.87
C ALA A 68 2.24 5.98 15.16
N GLU A 69 2.38 7.25 14.84
CA GLU A 69 1.27 8.02 14.24
C GLU A 69 1.52 8.36 12.80
N VAL A 70 0.45 8.45 12.08
CA VAL A 70 0.48 8.86 10.68
C VAL A 70 0.52 10.38 10.59
N SER A 71 1.43 10.94 9.78
CA SER A 71 1.50 12.36 9.53
C SER A 71 0.30 12.79 8.77
N LEU A 72 -0.49 13.64 9.40
CA LEU A 72 -1.72 14.10 8.82
C LEU A 72 -1.55 15.14 7.75
N PRO A 73 -2.29 15.01 6.67
CA PRO A 73 -2.16 16.01 5.60
C PRO A 73 -2.75 17.38 5.97
N GLU A 74 -2.09 18.41 5.47
CA GLU A 74 -2.44 19.79 5.72
C GLU A 74 -3.83 20.09 5.24
N SER A 75 -4.23 19.41 4.15
CA SER A 75 -5.48 19.64 3.48
C SER A 75 -6.65 19.11 4.31
N ARG A 76 -6.37 18.33 5.36
CA ARG A 76 -7.42 17.66 6.14
C ARG A 76 -8.32 16.78 5.27
N GLN A 77 -7.73 16.07 4.32
CA GLN A 77 -8.45 15.14 3.49
C GLN A 77 -7.49 14.01 3.02
N PHE A 78 -7.90 12.75 3.12
CA PHE A 78 -7.22 11.61 2.52
C PHE A 78 -7.98 11.14 1.29
N SER A 79 -7.22 10.62 0.33
CA SER A 79 -7.82 9.89 -0.77
C SER A 79 -7.92 8.42 -0.41
N ALA A 80 -8.84 7.74 -1.11
CA ALA A 80 -8.90 6.27 -1.10
C ALA A 80 -7.53 5.66 -1.35
N ASN A 81 -6.82 6.10 -2.39
CA ASN A 81 -5.51 5.52 -2.67
C ASN A 81 -4.52 5.78 -1.52
N GLU A 82 -4.51 6.99 -0.97
CA GLU A 82 -3.54 7.26 0.09
C GLU A 82 -3.78 6.46 1.34
N LEU A 83 -5.02 6.35 1.79
CA LEU A 83 -5.30 5.41 2.90
C LEU A 83 -4.83 3.95 2.62
N GLY A 84 -5.05 3.49 1.40
CA GLY A 84 -4.61 2.14 0.99
C GLY A 84 -3.09 2.00 1.07
N ASN A 85 -2.41 3.01 0.56
CA ASN A 85 -0.98 3.03 0.67
C ASN A 85 -0.58 2.92 2.15
N LEU A 86 -1.21 3.72 3.02
CA LEU A 86 -0.89 3.70 4.45
C LEU A 86 -1.10 2.34 5.12
N LEU A 87 -2.23 1.71 4.83
CA LEU A 87 -2.51 0.34 5.34
C LEU A 87 -1.54 -0.72 4.82
N CYS A 88 -1.16 -0.57 3.57
CA CYS A 88 -0.14 -1.43 2.94
C CYS A 88 1.24 -1.34 3.64
N ARG A 89 1.62 -0.14 4.11
CA ARG A 89 2.90 0.03 4.79
C ARG A 89 2.90 -0.39 6.22
N HIS A 90 1.83 0.00 6.94
CA HIS A 90 1.81 0.00 8.39
C HIS A 90 0.87 -1.01 9.02
N GLY A 91 -0.06 -1.55 8.25
CA GLY A 91 -0.95 -2.55 8.76
C GLY A 91 -2.15 -1.83 9.28
N PRO A 92 -2.93 -2.49 10.13
CA PRO A 92 -4.12 -1.77 10.62
C PRO A 92 -3.85 -0.49 11.43
N ILE A 93 -4.75 0.43 11.31
CA ILE A 93 -4.54 1.77 11.86
C ILE A 93 -5.75 2.14 12.75
N MET A 94 -5.46 2.43 14.00
CA MET A 94 -6.54 2.85 14.90
C MET A 94 -6.72 4.37 14.86
N PHE A 95 -7.97 4.76 14.66
CA PHE A 95 -8.34 6.16 14.47
C PHE A 95 -9.43 6.60 15.42
N GLY A 96 -9.26 7.86 15.82
CA GLY A 96 -10.20 8.60 16.66
C GLY A 96 -11.12 9.38 15.78
N TRP A 97 -12.42 9.35 16.07
CA TRP A 97 -13.40 10.09 15.26
C TRP A 97 -14.61 10.47 16.02
N GLN A 98 -15.30 11.50 15.55
CA GLN A 98 -16.41 12.04 16.26
C GLN A 98 -17.72 11.66 15.58
N THR A 99 -18.67 11.16 16.36
CA THR A 99 -19.90 10.71 15.76
C THR A 99 -20.86 11.86 15.58
N PRO A 100 -21.86 11.65 14.73
CA PRO A 100 -22.88 12.63 14.64
C PRO A 100 -23.48 13.00 15.99
N ALA A 101 -23.75 12.01 16.81
CA ALA A 101 -24.30 12.20 18.13
C ALA A 101 -23.38 12.99 19.10
N GLY A 102 -22.09 13.20 18.78
CA GLY A 102 -21.19 14.15 19.48
C GLY A 102 -20.03 13.51 20.26
N SER A 103 -20.15 12.23 20.53
CA SER A 103 -19.11 11.51 21.24
C SER A 103 -17.95 11.05 20.35
N TRP A 104 -16.83 10.85 20.99
CA TRP A 104 -15.64 10.43 20.33
C TRP A 104 -15.51 8.90 20.51
N HIS A 105 -14.94 8.28 19.52
CA HIS A 105 -14.78 6.82 19.46
C HIS A 105 -13.45 6.44 18.80
N MET A 106 -13.02 5.20 19.02
CA MET A 106 -11.88 4.66 18.37
C MET A 106 -12.29 3.43 17.60
N SER A 107 -11.72 3.29 16.39
CA SER A 107 -12.01 2.17 15.51
C SER A 107 -10.78 1.79 14.80
N VAL A 108 -10.81 0.65 14.12
CA VAL A 108 -9.64 0.17 13.40
C VAL A 108 -9.86 0.08 11.94
N LEU A 109 -9.09 0.88 11.20
CA LEU A 109 -9.09 0.92 9.74
C LEU A 109 -8.41 -0.33 9.23
N THR A 110 -9.09 -1.04 8.36
CA THR A 110 -8.52 -2.32 7.78
C THR A 110 -8.39 -2.38 6.24
N GLY A 111 -9.22 -1.63 5.52
CA GLY A 111 -9.17 -1.62 4.12
C GLY A 111 -9.93 -0.49 3.49
N ILE A 112 -9.94 -0.46 2.17
CA ILE A 112 -10.65 0.59 1.37
C ILE A 112 -11.48 -0.12 0.34
N ASP A 113 -12.71 0.35 0.26
CA ASP A 113 -13.59 -0.03 -0.79
C ASP A 113 -13.58 1.09 -1.84
N LYS A 114 -12.78 0.92 -2.90
CA LYS A 114 -12.67 1.96 -3.92
C LYS A 114 -13.96 2.19 -4.68
N PRO A 115 -14.58 1.11 -5.21
CA PRO A 115 -15.80 1.34 -6.02
C PRO A 115 -16.88 2.17 -5.33
N ASN A 116 -17.04 1.99 -4.02
CA ASN A 116 -18.05 2.67 -3.23
C ASN A 116 -17.48 3.84 -2.44
N ASP A 117 -16.20 4.18 -2.61
CA ASP A 117 -15.55 5.30 -1.93
C ASP A 117 -15.81 5.30 -0.41
N ALA A 118 -15.40 4.20 0.21
CA ALA A 118 -15.64 3.91 1.62
C ALA A 118 -14.44 3.25 2.28
N ILE A 119 -14.34 3.43 3.60
CA ILE A 119 -13.33 2.78 4.39
C ILE A 119 -13.96 1.59 5.05
N ILE A 120 -13.11 0.60 5.36
CA ILE A 120 -13.54 -0.61 5.98
C ILE A 120 -12.89 -0.64 7.36
N PHE A 121 -13.69 -0.90 8.40
CA PHE A 121 -13.16 -0.78 9.75
C PHE A 121 -13.89 -1.68 10.71
N HIS A 122 -13.15 -2.08 11.73
CA HIS A 122 -13.64 -2.82 12.86
C HIS A 122 -14.05 -1.77 13.92
N ASP A 123 -15.29 -1.85 14.38
CA ASP A 123 -15.84 -0.94 15.39
C ASP A 123 -16.07 -1.75 16.67
N PRO A 124 -15.30 -1.48 17.72
CA PRO A 124 -15.39 -2.25 18.90
C PRO A 124 -16.80 -2.28 19.54
N GLN A 125 -17.69 -1.35 19.14
CA GLN A 125 -19.02 -1.37 19.67
C GLN A 125 -20.09 -1.70 18.70
N ARG A 126 -19.80 -1.75 17.42
CA ARG A 126 -20.75 -2.06 16.43
C ARG A 126 -20.48 -3.29 15.62
N GLY A 127 -19.22 -3.74 15.56
CA GLY A 127 -18.92 -4.98 14.92
C GLY A 127 -17.78 -4.92 13.91
N PRO A 128 -17.41 -6.12 13.37
CA PRO A 128 -16.36 -6.16 12.39
C PRO A 128 -16.76 -5.72 10.99
N ASP A 129 -15.78 -5.30 10.20
CA ASP A 129 -15.91 -5.13 8.75
C ASP A 129 -17.10 -4.24 8.37
N LEU A 130 -17.32 -3.21 9.17
CA LEU A 130 -18.24 -2.15 8.75
C LEU A 130 -17.55 -1.28 7.67
N THR A 131 -18.36 -0.53 6.95
CA THR A 131 -17.79 0.54 6.13
C THR A 131 -18.50 1.85 6.46
N MET A 132 -17.81 2.93 6.19
CA MET A 132 -18.43 4.24 6.14
C MET A 132 -17.91 5.00 4.94
N PRO A 133 -18.66 6.01 4.49
CA PRO A 133 -18.13 6.76 3.38
C PRO A 133 -16.80 7.42 3.70
N LEU A 134 -15.94 7.48 2.72
CA LEU A 134 -14.70 8.21 2.84
C LEU A 134 -14.94 9.64 3.22
N ASP A 135 -15.99 10.27 2.63
CA ASP A 135 -16.29 11.68 2.98
CA ASP A 135 -16.30 11.66 2.98
C ASP A 135 -16.52 11.79 4.51
N SER A 136 -17.21 10.83 5.09
CA SER A 136 -17.45 10.82 6.56
C SER A 136 -16.21 10.69 7.39
N PHE A 137 -15.31 9.80 7.00
CA PHE A 137 -14.06 9.65 7.66
C PHE A 137 -13.26 10.93 7.68
N ASN A 138 -13.16 11.57 6.52
CA ASN A 138 -12.48 12.84 6.48
C ASN A 138 -13.15 13.96 7.31
N GLN A 139 -14.45 13.95 7.32
CA GLN A 139 -15.18 14.98 8.10
C GLN A 139 -15.00 14.78 9.59
N ARG A 140 -14.89 13.53 10.01
CA ARG A 140 -15.02 13.19 11.45
C ARG A 140 -13.77 12.75 12.12
N LEU A 141 -12.68 12.56 11.38
CA LEU A 141 -11.41 12.20 11.96
C LEU A 141 -10.92 13.27 12.92
N ALA A 142 -10.23 12.84 13.94
CA ALA A 142 -9.66 13.76 14.93
C ALA A 142 -8.47 14.62 14.44
N TRP A 143 -8.72 15.46 13.45
CA TRP A 143 -7.70 16.29 12.81
C TRP A 143 -6.95 17.19 13.76
N ARG A 144 -7.55 17.54 14.88
CA ARG A 144 -6.97 18.47 15.81
C ARG A 144 -5.73 17.95 16.50
N VAL A 145 -5.56 16.65 16.52
CA VAL A 145 -4.42 16.07 17.27
C VAL A 145 -3.55 15.28 16.32
N PRO A 146 -2.25 15.31 16.52
CA PRO A 146 -1.37 14.57 15.62
C PRO A 146 -1.50 13.07 15.75
N HIS A 147 -2.10 12.59 16.82
CA HIS A 147 -2.20 11.14 17.11
C HIS A 147 -3.53 10.57 16.74
N ALA A 148 -4.19 11.21 15.78
CA ALA A 148 -5.47 10.82 15.27
C ALA A 148 -5.48 9.36 14.75
N MET A 149 -4.35 8.90 14.18
CA MET A 149 -4.27 7.62 13.47
C MET A 149 -2.98 6.96 13.94
N LEU A 150 -3.11 5.87 14.68
CA LEU A 150 -2.00 5.17 15.25
C LEU A 150 -1.84 3.79 14.61
N TYR A 151 -0.58 3.37 14.52
CA TYR A 151 -0.27 2.05 13.97
C TYR A 151 0.82 1.37 14.75
N SER A 152 0.99 0.06 14.48
CA SER A 152 1.98 -0.78 15.16
C SER A 152 3.35 -0.65 14.50
N GLU A 153 4.36 -0.39 15.31
CA GLU A 153 5.77 -0.50 14.88
C GLU A 153 6.36 -1.91 15.06
N ASN A 154 5.63 -2.84 15.67
CA ASN A 154 6.14 -4.24 15.77
C ASN A 154 6.02 -4.97 14.43
N ASN B 1 3.67 -7.10 9.35
CA ASN B 1 3.72 -7.61 7.93
C ASN B 1 4.19 -6.46 7.03
N GLY B 2 3.43 -6.19 5.97
CA GLY B 2 3.52 -4.91 5.28
C GLY B 2 4.14 -5.12 3.92
N PHE B 3 3.90 -4.15 3.05
CA PHE B 3 4.53 -4.10 1.75
C PHE B 3 4.18 -5.32 0.91
N ARG B 4 2.94 -5.82 1.04
CA ARG B 4 2.42 -6.86 0.18
C ARG B 4 1.03 -6.51 -0.36
N LEU B 5 0.88 -6.53 -1.68
CA LEU B 5 -0.44 -6.41 -2.29
C LEU B 5 -0.90 -7.86 -2.28
N ASN B 6 -2.22 -8.07 -2.23
CA ASN B 6 -2.81 -9.37 -1.81
C ASN B 6 -3.85 -10.04 -2.73
N HIS B 7 -4.63 -9.33 -3.56
CA HIS B 7 -5.14 -10.02 -4.77
C HIS B 7 -4.89 -9.25 -6.04
N VAL B 8 -3.61 -9.21 -6.35
CA VAL B 8 -3.21 -9.02 -7.73
C VAL B 8 -3.55 -10.33 -8.45
N PRO B 9 -4.42 -10.30 -9.47
CA PRO B 9 -4.81 -11.57 -10.08
C PRO B 9 -3.63 -12.19 -10.85
N TYR B 10 -3.66 -13.50 -11.05
CA TYR B 10 -2.65 -14.20 -11.84
C TYR B 10 -3.14 -14.52 -13.25
N VAL B 11 -2.35 -14.15 -14.27
CA VAL B 11 -2.57 -14.57 -15.66
C VAL B 11 -1.32 -15.16 -16.24
N SER B 12 -1.43 -16.34 -16.85
CA SER B 12 -0.27 -16.97 -17.51
C SER B 12 -0.27 -16.63 -18.99
N GLN B 13 0.90 -16.48 -19.57
CA GLN B 13 1.00 -16.09 -20.97
C GLN B 13 0.64 -17.16 -21.95
N GLN B 14 0.25 -16.71 -23.11
CA GLN B 14 0.23 -17.52 -24.32
C GLN B 14 1.66 -17.59 -24.87
N ASN B 15 1.94 -18.65 -25.59
CA ASN B 15 3.26 -18.87 -26.18
C ASN B 15 3.21 -18.28 -27.54
N GLU B 16 3.49 -16.98 -27.56
CA GLU B 16 3.54 -16.19 -28.77
C GLU B 16 4.43 -15.01 -28.46
N ARG B 17 4.85 -14.32 -29.50
CA ARG B 17 5.75 -13.23 -29.29
C ARG B 17 5.00 -12.17 -28.40
N MET B 18 5.72 -11.62 -27.43
CA MET B 18 5.15 -10.67 -26.47
C MET B 18 4.06 -11.27 -25.53
N GLY B 19 3.99 -12.59 -25.44
CA GLY B 19 2.92 -13.22 -24.68
C GLY B 19 2.94 -12.72 -23.26
N CYS B 20 4.14 -12.51 -22.72
CA CYS B 20 4.30 -11.99 -21.38
C CYS B 20 3.80 -10.53 -21.21
N TRP B 21 3.99 -9.68 -22.23
CA TRP B 21 3.41 -8.33 -22.22
C TRP B 21 1.88 -8.37 -21.95
N TYR B 22 1.15 -9.15 -22.71
CA TYR B 22 -0.34 -9.21 -22.57
C TYR B 22 -0.75 -9.76 -21.19
N ALA B 23 -0.16 -10.86 -20.76
CA ALA B 23 -0.47 -11.41 -19.43
C ALA B 23 -0.16 -10.38 -18.33
N CYS B 24 0.99 -9.70 -18.40
CA CYS B 24 1.38 -8.74 -17.34
C CYS B 24 0.46 -7.50 -17.25
N THR B 25 0.10 -6.97 -18.42
CA THR B 25 -0.85 -5.82 -18.41
C THR B 25 -2.16 -6.27 -17.79
N ARG B 26 -2.59 -7.50 -18.12
CA ARG B 26 -3.76 -8.05 -17.49
C ARG B 26 -3.69 -8.17 -16.02
N MET B 27 -2.54 -8.56 -15.48
CA MET B 27 -2.39 -8.56 -14.00
C MET B 27 -2.46 -7.15 -13.32
N LEU B 28 -2.07 -6.12 -14.07
CA LEU B 28 -2.21 -4.73 -13.66
C LEU B 28 -3.66 -4.20 -13.84
N GLY B 29 -4.45 -4.93 -14.64
CA GLY B 29 -5.91 -4.73 -14.83
C GLY B 29 -6.32 -4.13 -16.18
N HIS B 30 -5.43 -4.13 -17.16
CA HIS B 30 -5.66 -3.49 -18.45
C HIS B 30 -5.99 -4.53 -19.50
N SER B 31 -6.86 -4.18 -20.44
CA SER B 31 -7.12 -5.02 -21.59
C SER B 31 -6.64 -4.30 -22.85
N ILE B 32 -5.47 -4.69 -23.31
CA ILE B 32 -4.74 -3.93 -24.32
C ILE B 32 -4.49 -4.81 -25.50
N SER B 33 -5.01 -4.39 -26.65
CA SER B 33 -4.93 -5.24 -27.83
C SER B 33 -3.58 -5.11 -28.51
N SER B 34 -2.83 -4.04 -28.24
CA SER B 34 -1.49 -3.89 -28.83
C SER B 34 -0.33 -3.94 -27.83
N GLY B 35 0.87 -4.07 -28.38
CA GLY B 35 2.09 -4.12 -27.59
C GLY B 35 3.31 -3.77 -28.41
N PRO B 36 4.52 -3.95 -27.85
CA PRO B 36 5.78 -3.69 -28.56
C PRO B 36 5.85 -4.43 -29.91
N ARG B 37 6.48 -3.78 -30.88
CA ARG B 37 6.45 -4.22 -32.28
C ARG B 37 7.45 -5.35 -32.54
N LEU B 38 8.47 -5.47 -31.70
CA LEU B 38 9.52 -6.46 -31.87
C LEU B 38 9.56 -7.34 -30.60
N GLY B 39 10.75 -7.78 -30.18
CA GLY B 39 10.92 -8.65 -29.02
C GLY B 39 11.31 -7.89 -27.78
N LEU B 40 11.52 -8.65 -26.71
CA LEU B 40 11.88 -8.09 -25.44
C LEU B 40 13.27 -7.52 -25.46
N PRO B 41 14.24 -8.20 -26.13
CA PRO B 41 15.60 -7.65 -26.24
C PRO B 41 15.58 -6.23 -26.81
N GLU B 42 14.83 -6.05 -27.89
CA GLU B 42 14.63 -4.73 -28.50
C GLU B 42 13.99 -3.73 -27.49
N LEU B 43 12.97 -4.17 -26.77
CA LEU B 43 12.18 -3.35 -25.87
C LEU B 43 12.94 -2.90 -24.68
N TYR B 44 13.72 -3.84 -24.12
CA TYR B 44 14.43 -3.62 -22.87
C TYR B 44 15.96 -3.42 -22.99
N ASP B 45 16.55 -3.56 -24.17
CA ASP B 45 18.00 -3.49 -24.27
C ASP B 45 18.48 -3.05 -25.66
N SER B 46 17.76 -2.19 -26.36
CA SER B 46 18.27 -1.64 -27.64
C SER B 46 19.15 -0.40 -27.45
N SER B 47 19.67 0.10 -28.56
CA SER B 47 20.69 1.21 -28.66
C SER B 47 20.50 1.96 -29.93
N GLY B 48 21.14 3.12 -30.02
CA GLY B 48 21.12 3.95 -31.19
C GLY B 48 19.72 4.16 -31.77
N PRO B 49 19.61 4.21 -33.11
CA PRO B 49 18.29 4.48 -33.71
C PRO B 49 17.20 3.44 -33.37
N GLN B 50 17.59 2.20 -33.13
CA GLN B 50 16.60 1.24 -32.68
C GLN B 50 16.07 1.50 -31.30
N GLY B 51 16.95 1.83 -30.38
CA GLY B 51 16.57 2.22 -29.04
C GLY B 51 15.54 3.38 -29.05
N LEU B 52 15.79 4.38 -29.90
CA LEU B 52 14.93 5.59 -30.00
C LEU B 52 13.54 5.24 -30.51
N GLN B 53 13.47 4.39 -31.54
CA GLN B 53 12.17 3.93 -32.05
C GLN B 53 11.36 3.13 -31.03
N GLN B 54 12.02 2.17 -30.35
CA GLN B 54 11.34 1.36 -29.38
C GLN B 54 10.82 2.22 -28.26
N ARG B 55 11.59 3.26 -27.92
CA ARG B 55 11.18 4.18 -26.86
C ARG B 55 9.91 4.93 -27.27
N GLU B 56 9.86 5.34 -28.53
CA GLU B 56 8.66 6.09 -29.02
C GLU B 56 7.40 5.18 -28.98
N ASP B 57 7.57 3.88 -29.26
CA ASP B 57 6.43 2.93 -29.32
C ASP B 57 5.90 2.67 -27.96
N VAL B 58 6.82 2.61 -27.02
CA VAL B 58 6.46 2.40 -25.61
C VAL B 58 5.73 3.58 -25.04
N LEU B 59 6.26 4.79 -25.29
CA LEU B 59 5.59 6.00 -24.79
C LEU B 59 4.19 6.05 -25.38
N ARG B 60 4.06 5.69 -26.65
CA ARG B 60 2.77 5.63 -27.31
C ARG B 60 1.80 4.77 -26.49
N LEU B 61 2.15 3.52 -26.26
CA LEU B 61 1.29 2.64 -25.51
C LEU B 61 1.05 3.11 -24.09
N MET B 62 2.08 3.63 -23.43
CA MET B 62 1.92 4.14 -22.09
C MET B 62 0.83 5.21 -22.09
N ARG B 63 0.94 6.16 -23.00
CA ARG B 63 -0.07 7.23 -23.04
C ARG B 63 -1.48 6.76 -23.28
N ASN B 64 -1.61 5.95 -24.31
CA ASN B 64 -2.87 5.40 -24.76
C ASN B 64 -3.53 4.44 -23.78
N GLU B 65 -2.74 3.67 -23.05
CA GLU B 65 -3.29 2.63 -22.16
C GLU B 65 -3.18 2.93 -20.66
N ASN B 66 -2.82 4.17 -20.31
CA ASN B 66 -2.80 4.65 -18.93
C ASN B 66 -1.86 3.87 -18.01
N LEU B 67 -0.60 3.76 -18.49
CA LEU B 67 0.54 3.21 -17.77
C LEU B 67 1.57 4.30 -17.59
N ALA B 68 2.29 4.24 -16.47
CA ALA B 68 3.36 5.19 -16.17
C ALA B 68 4.59 4.42 -15.72
N GLU B 69 5.76 5.03 -15.85
CA GLU B 69 7.03 4.41 -15.42
C GLU B 69 7.57 4.89 -14.08
N VAL B 70 8.17 4.00 -13.34
CA VAL B 70 8.92 4.33 -12.10
C VAL B 70 10.22 5.06 -12.43
N SER B 71 10.43 6.24 -11.81
CA SER B 71 11.74 6.88 -11.83
C SER B 71 12.78 5.99 -11.23
N LEU B 72 13.86 5.74 -11.97
CA LEU B 72 14.86 4.74 -11.58
C LEU B 72 16.05 5.41 -10.88
N PRO B 73 16.44 4.93 -9.70
CA PRO B 73 17.61 5.47 -9.01
C PRO B 73 18.90 5.30 -9.84
N GLU B 74 19.74 6.32 -9.79
CA GLU B 74 20.97 6.33 -10.56
C GLU B 74 21.94 5.26 -10.06
N SER B 75 21.85 4.91 -8.78
CA SER B 75 22.58 3.74 -8.17
C SER B 75 22.41 2.36 -8.83
N ARG B 76 21.35 2.17 -9.61
CA ARG B 76 20.97 0.84 -10.15
C ARG B 76 20.65 -0.15 -9.04
N GLN B 77 20.06 0.40 -7.99
CA GLN B 77 19.83 -0.37 -6.77
C GLN B 77 18.67 0.17 -5.95
N PHE B 78 17.61 -0.62 -5.81
CA PHE B 78 16.56 -0.35 -4.84
C PHE B 78 16.84 -1.01 -3.48
N SER B 79 16.53 -0.32 -2.38
CA SER B 79 16.34 -1.00 -1.10
C SER B 79 14.94 -1.64 -1.03
N ALA B 80 14.81 -2.63 -0.12
CA ALA B 80 13.51 -3.27 0.18
C ALA B 80 12.42 -2.25 0.48
N ASN B 81 12.72 -1.32 1.39
CA ASN B 81 11.77 -0.24 1.76
C ASN B 81 11.37 0.68 0.59
N GLU B 82 12.36 1.09 -0.23
CA GLU B 82 12.05 1.84 -1.45
C GLU B 82 11.05 1.13 -2.34
N LEU B 83 11.31 -0.15 -2.61
CA LEU B 83 10.40 -0.93 -3.46
C LEU B 83 9.06 -1.13 -2.82
N GLY B 84 9.11 -1.46 -1.54
CA GLY B 84 7.88 -1.63 -0.79
C GLY B 84 7.08 -0.35 -0.86
N ASN B 85 7.75 0.78 -0.63
CA ASN B 85 7.05 2.04 -0.68
C ASN B 85 6.43 2.29 -2.05
N LEU B 86 7.14 1.95 -3.15
CA LEU B 86 6.58 2.16 -4.48
C LEU B 86 5.36 1.30 -4.74
N LEU B 87 5.48 0.00 -4.41
CA LEU B 87 4.34 -0.90 -4.52
C LEU B 87 3.08 -0.45 -3.77
N CYS B 88 3.25 -0.04 -2.52
CA CYS B 88 2.11 0.43 -1.73
C CYS B 88 1.49 1.71 -2.33
N ARG B 89 2.32 2.57 -2.97
CA ARG B 89 1.79 3.78 -3.69
C ARG B 89 1.07 3.45 -5.00
N HIS B 90 1.76 2.63 -5.79
CA HIS B 90 1.45 2.40 -7.20
C HIS B 90 0.74 1.12 -7.55
N GLY B 91 0.69 0.18 -6.61
CA GLY B 91 0.10 -1.12 -6.88
C GLY B 91 1.07 -1.97 -7.66
N PRO B 92 0.56 -3.05 -8.33
CA PRO B 92 1.49 -3.94 -9.02
C PRO B 92 2.34 -3.27 -10.14
N ILE B 93 3.57 -3.71 -10.25
CA ILE B 93 4.51 -3.06 -11.18
C ILE B 93 5.06 -4.15 -12.15
N MET B 94 4.85 -3.96 -13.45
CA MET B 94 5.43 -4.83 -14.51
C MET B 94 6.89 -4.46 -14.73
N PHE B 95 7.79 -5.41 -14.70
CA PHE B 95 9.22 -5.14 -14.86
C PHE B 95 9.80 -6.07 -15.89
N GLY B 96 10.82 -5.58 -16.60
CA GLY B 96 11.63 -6.31 -17.58
C GLY B 96 12.89 -6.71 -16.89
N TRP B 97 13.29 -7.95 -17.07
CA TRP B 97 14.51 -8.42 -16.47
C TRP B 97 15.18 -9.48 -17.31
N GLN B 98 16.48 -9.65 -17.13
CA GLN B 98 17.25 -10.55 -17.90
C GLN B 98 17.50 -11.79 -17.07
N THR B 99 17.13 -12.94 -17.61
CA THR B 99 17.30 -14.20 -16.92
C THR B 99 18.69 -14.77 -17.15
N PRO B 100 19.03 -15.88 -16.45
CA PRO B 100 20.34 -16.49 -16.66
C PRO B 100 20.68 -17.11 -18.02
N ALA B 101 19.81 -17.17 -19.04
CA ALA B 101 20.30 -17.51 -20.42
C ALA B 101 20.47 -16.28 -21.25
N GLY B 102 20.28 -15.12 -20.69
CA GLY B 102 20.37 -13.93 -21.48
C GLY B 102 19.06 -13.58 -22.12
N SER B 103 18.00 -14.37 -21.91
CA SER B 103 16.70 -14.02 -22.46
C SER B 103 16.08 -12.98 -21.50
N TRP B 104 15.37 -12.03 -22.05
CA TRP B 104 14.62 -11.05 -21.28
C TRP B 104 13.23 -11.59 -21.02
N HIS B 105 12.64 -11.16 -19.93
CA HIS B 105 11.31 -11.62 -19.58
C HIS B 105 10.58 -10.47 -18.85
N MET B 106 9.27 -10.56 -18.78
CA MET B 106 8.46 -9.61 -17.98
C MET B 106 7.74 -10.35 -16.83
N SER B 107 7.62 -9.70 -15.71
CA SER B 107 6.93 -10.23 -14.55
C SER B 107 6.23 -9.08 -13.84
N VAL B 108 5.40 -9.44 -12.85
CA VAL B 108 4.66 -8.41 -12.13
C VAL B 108 5.08 -8.46 -10.67
N LEU B 109 5.67 -7.37 -10.18
CA LEU B 109 6.00 -7.23 -8.78
C LEU B 109 4.74 -6.95 -7.94
N THR B 110 4.59 -7.72 -6.87
CA THR B 110 3.40 -7.61 -6.00
C THR B 110 3.71 -7.30 -4.54
N GLY B 111 4.94 -7.50 -4.10
CA GLY B 111 5.24 -7.34 -2.72
C GLY B 111 6.68 -7.48 -2.38
N ILE B 112 6.98 -7.24 -1.11
CA ILE B 112 8.31 -7.39 -0.55
C ILE B 112 8.28 -8.28 0.66
N ASP B 113 9.21 -9.22 0.70
CA ASP B 113 9.50 -10.07 1.83
C ASP B 113 10.74 -9.49 2.52
N LYS B 114 10.54 -8.71 3.58
CA LYS B 114 11.63 -8.00 4.18
C LYS B 114 12.57 -8.94 4.95
N PRO B 115 12.05 -9.90 5.75
CA PRO B 115 12.96 -10.81 6.48
C PRO B 115 13.88 -11.68 5.64
N ASN B 116 13.43 -12.13 4.46
CA ASN B 116 14.31 -12.87 3.57
C ASN B 116 14.91 -12.03 2.44
N ASP B 117 14.70 -10.70 2.44
CA ASP B 117 15.29 -9.75 1.48
C ASP B 117 15.03 -10.14 0.02
N ALA B 118 13.72 -10.15 -0.30
CA ALA B 118 13.20 -10.75 -1.52
C ALA B 118 12.00 -10.00 -2.01
N ILE B 119 11.84 -10.02 -3.31
CA ILE B 119 10.69 -9.50 -3.97
C ILE B 119 9.71 -10.62 -4.25
N ILE B 120 8.43 -10.28 -4.25
CA ILE B 120 7.39 -11.23 -4.47
C ILE B 120 6.78 -10.86 -5.82
N PHE B 121 6.70 -11.82 -6.77
CA PHE B 121 6.19 -11.57 -8.11
C PHE B 121 5.38 -12.70 -8.71
N HIS B 122 4.47 -12.29 -9.59
CA HIS B 122 3.85 -13.23 -10.48
C HIS B 122 4.71 -13.34 -11.76
N ASP B 123 4.98 -14.56 -12.17
CA ASP B 123 5.68 -14.84 -13.43
C ASP B 123 4.67 -15.44 -14.37
N PRO B 124 4.42 -14.79 -15.52
CA PRO B 124 3.44 -15.32 -16.45
C PRO B 124 3.80 -16.68 -17.04
N GLN B 125 5.05 -17.11 -16.91
CA GLN B 125 5.46 -18.47 -17.38
C GLN B 125 5.49 -19.46 -16.25
N ARG B 126 6.04 -19.06 -15.09
CA ARG B 126 6.44 -19.95 -13.99
C ARG B 126 5.42 -20.07 -12.86
N GLY B 127 4.57 -19.05 -12.71
CA GLY B 127 3.45 -19.13 -11.72
C GLY B 127 3.32 -17.88 -10.83
N PRO B 128 2.31 -17.86 -9.94
CA PRO B 128 2.07 -16.84 -8.98
C PRO B 128 2.92 -16.91 -7.75
N ASP B 129 3.18 -15.73 -7.20
CA ASP B 129 3.66 -15.58 -5.86
C ASP B 129 5.01 -16.25 -5.71
N LEU B 130 5.86 -16.09 -6.72
CA LEU B 130 7.26 -16.49 -6.62
C LEU B 130 8.01 -15.48 -5.81
N THR B 131 9.16 -15.86 -5.27
CA THR B 131 10.09 -14.84 -4.82
C THR B 131 11.42 -14.98 -5.50
N MET B 132 12.15 -13.89 -5.60
CA MET B 132 13.61 -13.96 -5.90
C MET B 132 14.37 -12.98 -4.98
N PRO B 133 15.68 -13.24 -4.74
CA PRO B 133 16.43 -12.27 -3.88
C PRO B 133 16.36 -10.84 -4.42
N LEU B 134 16.26 -9.84 -3.54
CA LEU B 134 16.29 -8.44 -3.95
C LEU B 134 17.57 -8.16 -4.73
N ASP B 135 18.68 -8.79 -4.33
CA ASP B 135 19.99 -8.69 -5.01
C ASP B 135 19.93 -9.15 -6.47
N SER B 136 19.13 -10.19 -6.73
CA SER B 136 18.87 -10.65 -8.11
C SER B 136 18.03 -9.66 -8.86
N PHE B 137 17.00 -9.11 -8.25
CA PHE B 137 16.21 -8.12 -8.97
C PHE B 137 17.06 -6.91 -9.45
N ASN B 138 17.81 -6.35 -8.51
CA ASN B 138 18.70 -5.24 -8.86
C ASN B 138 19.71 -5.58 -9.90
N GLN B 139 20.24 -6.78 -9.84
CA GLN B 139 21.18 -7.19 -10.84
C GLN B 139 20.53 -7.34 -12.25
N ARG B 140 19.26 -7.76 -12.30
CA ARG B 140 18.70 -8.21 -13.57
C ARG B 140 17.70 -7.28 -14.19
N LEU B 141 17.27 -6.27 -13.45
CA LEU B 141 16.31 -5.33 -13.97
C LEU B 141 16.89 -4.62 -15.19
N ALA B 142 16.02 -4.23 -16.10
CA ALA B 142 16.37 -3.56 -17.35
C ALA B 142 16.72 -2.05 -17.13
N TRP B 143 17.83 -1.82 -16.45
CA TRP B 143 18.21 -0.45 -16.06
C TRP B 143 18.48 0.45 -17.22
N ARG B 144 18.82 -0.11 -18.37
CA ARG B 144 19.21 0.68 -19.52
C ARG B 144 18.05 1.44 -20.09
N VAL B 145 16.83 1.11 -19.71
CA VAL B 145 15.70 1.81 -20.30
C VAL B 145 14.83 2.46 -19.23
N PRO B 146 14.27 3.67 -19.51
CA PRO B 146 13.51 4.31 -18.45
C PRO B 146 12.16 3.63 -18.21
N HIS B 147 11.76 2.73 -19.10
CA HIS B 147 10.49 2.02 -19.00
C HIS B 147 10.61 0.62 -18.43
N ALA B 148 11.63 0.40 -17.58
CA ALA B 148 11.92 -0.88 -16.98
C ALA B 148 10.79 -1.33 -16.06
N MET B 149 10.12 -0.34 -15.44
CA MET B 149 9.10 -0.65 -14.42
C MET B 149 7.86 0.14 -14.69
N LEU B 150 6.76 -0.51 -15.10
CA LEU B 150 5.53 0.17 -15.40
C LEU B 150 4.41 -0.15 -14.39
N TYR B 151 3.66 0.89 -14.02
CA TYR B 151 2.57 0.70 -13.10
C TYR B 151 1.32 1.32 -13.72
N SER B 152 0.14 0.92 -13.25
CA SER B 152 -1.14 1.35 -13.81
C SER B 152 -1.49 2.78 -13.31
N GLU B 153 -2.10 3.63 -14.15
CA GLU B 153 -2.66 4.91 -13.63
C GLU B 153 -4.18 4.91 -13.42
N ASN B 154 -4.80 3.73 -13.57
CA ASN B 154 -6.23 3.59 -13.68
C ASN B 154 -6.87 3.30 -12.31
#